data_5SRN
#
_entry.id   5SRN
#
_cell.length_a   88.797
_cell.length_b   88.797
_cell.length_c   39.601
_cell.angle_alpha   90.000
_cell.angle_beta   90.000
_cell.angle_gamma   90.000
#
_symmetry.space_group_name_H-M   'P 43'
#
loop_
_entity.id
_entity.type
_entity.pdbx_description
1 polymer 'Non-structural protein 3'
2 non-polymer '[(2R)-4-(9H-pyrimido[4,5-b]indol-4-yl)morpholin-2-yl]acetic acid'
3 non-polymer '[(2S)-4-(9H-pyrimido[4,5-b]indol-4-yl)morpholin-2-yl]acetic acid'
4 water water
#
_entity_poly.entity_id   1
_entity_poly.type   'polypeptide(L)'
_entity_poly.pdbx_seq_one_letter_code
;SMVNSFSGYLKLTDNVYIKNADIVEEAKKVKPTVVVNAANVYLKHGGGVAGALNKATNNAMQVESDDYIATNGPLKVGGS
CVLSGHNLAKHCLHVVGPNVNKGEDIQLLKSAYENFNQHEVLLAPLLSAGIFGADPIHSLRVCVDTVRTNVYLAVFDKNL
YDKLVSSFL
;
_entity_poly.pdbx_strand_id   A,B
#
# COMPACT_ATOMS: atom_id res chain seq x y z
N VAL A 3 -7.69 -23.86 -3.39
CA VAL A 3 -6.48 -24.54 -3.84
C VAL A 3 -5.80 -23.72 -4.93
N ASN A 4 -4.47 -23.57 -4.85
CA ASN A 4 -3.70 -22.89 -5.89
C ASN A 4 -2.51 -23.77 -6.29
N SER A 5 -1.74 -23.26 -7.28
N SER A 5 -1.75 -23.34 -7.28
CA SER A 5 -0.71 -24.02 -7.97
CA SER A 5 -0.70 -24.13 -7.92
C SER A 5 0.68 -23.91 -7.34
C SER A 5 0.68 -23.94 -7.33
N PHE A 6 0.83 -23.12 -6.28
CA PHE A 6 2.15 -22.97 -5.66
C PHE A 6 2.57 -24.29 -4.98
N SER A 7 3.81 -24.72 -5.20
CA SER A 7 4.26 -26.05 -4.79
C SER A 7 5.57 -25.98 -4.00
N GLY A 8 5.71 -26.83 -2.97
CA GLY A 8 6.96 -26.92 -2.24
C GLY A 8 7.22 -25.83 -1.23
N TYR A 9 6.21 -25.04 -0.85
CA TYR A 9 6.38 -23.97 0.13
C TYR A 9 6.23 -24.50 1.55
N LEU A 10 6.97 -23.92 2.45
N LEU A 10 6.96 -23.84 2.46
CA LEU A 10 6.77 -24.12 3.88
CA LEU A 10 6.86 -24.05 3.89
C LEU A 10 5.76 -23.09 4.34
C LEU A 10 5.85 -23.05 4.46
N LYS A 11 4.81 -23.54 5.15
CA LYS A 11 3.77 -22.67 5.68
C LYS A 11 4.29 -22.01 6.96
N LEU A 12 4.37 -20.67 7.00
CA LEU A 12 4.82 -19.99 8.20
C LEU A 12 3.65 -19.59 9.10
N THR A 13 2.56 -19.11 8.49
CA THR A 13 1.38 -18.67 9.22
C THR A 13 0.14 -19.05 8.41
N ASP A 14 -1.01 -18.59 8.89
CA ASP A 14 -2.25 -18.80 8.16
C ASP A 14 -2.14 -18.38 6.70
N ASN A 15 -1.40 -17.28 6.43
CA ASN A 15 -1.44 -16.67 5.09
C ASN A 15 -0.08 -16.49 4.43
N VAL A 16 1.02 -16.78 5.11
CA VAL A 16 2.37 -16.56 4.56
C VAL A 16 3.08 -17.91 4.39
N TYR A 17 3.66 -18.08 3.20
CA TYR A 17 4.36 -19.27 2.78
C TYR A 17 5.73 -18.86 2.24
N ILE A 18 6.72 -19.75 2.33
CA ILE A 18 8.08 -19.40 1.93
C ILE A 18 8.78 -20.59 1.26
N LYS A 19 9.65 -20.28 0.29
N LYS A 19 9.69 -20.25 0.33
CA LYS A 19 10.34 -21.31 -0.49
CA LYS A 19 10.49 -21.23 -0.39
C LYS A 19 11.69 -20.77 -0.93
C LYS A 19 11.81 -20.57 -0.80
N ASN A 20 12.69 -21.65 -0.96
N ASN A 20 12.91 -21.34 -0.81
CA ASN A 20 13.97 -21.33 -1.59
CA ASN A 20 14.19 -20.82 -1.30
C ASN A 20 13.77 -21.47 -3.09
C ASN A 20 14.18 -20.99 -2.81
N ALA A 21 13.67 -20.34 -3.79
N ALA A 21 14.02 -19.90 -3.57
CA ALA A 21 13.40 -20.40 -5.22
CA ALA A 21 13.95 -20.09 -5.02
C ALA A 21 13.83 -19.10 -5.87
C ALA A 21 14.26 -18.81 -5.79
N ASP A 22 14.14 -19.20 -7.16
N ASP A 22 14.29 -18.96 -7.13
CA ASP A 22 14.37 -18.04 -8.02
CA ASP A 22 14.48 -17.87 -8.09
C ASP A 22 13.02 -17.52 -8.46
C ASP A 22 13.11 -17.44 -8.60
N ILE A 23 12.68 -16.30 -8.06
N ILE A 23 12.69 -16.21 -8.25
CA ILE A 23 11.36 -15.75 -8.33
CA ILE A 23 11.32 -15.74 -8.52
C ILE A 23 11.06 -15.71 -9.82
C ILE A 23 10.96 -15.80 -10.00
N VAL A 24 12.09 -15.53 -10.65
N VAL A 24 11.92 -15.55 -10.90
CA VAL A 24 11.90 -15.55 -12.10
CA VAL A 24 11.64 -15.62 -12.35
C VAL A 24 11.42 -16.92 -12.56
C VAL A 24 11.14 -17.01 -12.72
N GLU A 25 12.10 -17.98 -12.09
N GLU A 25 11.92 -18.06 -12.41
CA GLU A 25 11.73 -19.32 -12.48
CA GLU A 25 11.52 -19.42 -12.77
C GLU A 25 10.38 -19.71 -11.90
C GLU A 25 10.23 -19.82 -12.07
N GLU A 26 10.10 -19.27 -10.68
N GLU A 26 10.04 -19.39 -10.82
CA GLU A 26 8.82 -19.56 -10.06
CA GLU A 26 8.77 -19.61 -10.12
C GLU A 26 7.68 -18.87 -10.82
C GLU A 26 7.65 -18.88 -10.84
N ALA A 27 7.88 -17.64 -11.24
CA ALA A 27 6.86 -16.91 -11.99
C ALA A 27 6.62 -17.60 -13.33
N LYS A 28 7.69 -17.98 -14.02
CA LYS A 28 7.57 -18.66 -15.32
C LYS A 28 6.75 -19.94 -15.21
N LYS A 29 6.84 -20.63 -14.09
N LYS A 29 6.90 -20.67 -14.09
CA LYS A 29 6.17 -21.91 -13.94
CA LYS A 29 6.23 -21.95 -13.90
C LYS A 29 4.74 -21.78 -13.47
C LYS A 29 4.75 -21.78 -13.48
N VAL A 30 4.49 -20.90 -12.51
CA VAL A 30 3.16 -20.73 -11.94
C VAL A 30 2.29 -19.79 -12.78
N LYS A 31 2.89 -18.75 -13.37
CA LYS A 31 2.14 -17.69 -14.05
C LYS A 31 1.11 -17.12 -13.09
N PRO A 32 1.54 -16.63 -11.94
CA PRO A 32 0.62 -16.13 -10.92
C PRO A 32 -0.13 -14.91 -11.44
N THR A 33 -1.28 -14.65 -10.81
CA THR A 33 -2.01 -13.42 -11.09
C THR A 33 -1.14 -12.19 -10.83
N VAL A 34 -0.37 -12.20 -9.73
CA VAL A 34 0.47 -11.08 -9.34
C VAL A 34 1.86 -11.57 -8.96
N VAL A 35 2.89 -11.02 -9.61
CA VAL A 35 4.26 -11.10 -9.13
C VAL A 35 4.68 -9.72 -8.64
N VAL A 36 5.32 -9.68 -7.47
CA VAL A 36 5.82 -8.43 -6.91
C VAL A 36 7.25 -8.19 -7.37
N ASN A 37 7.52 -6.96 -7.82
CA ASN A 37 8.87 -6.52 -8.10
C ASN A 37 9.38 -5.64 -6.97
N ALA A 38 10.66 -5.84 -6.63
CA ALA A 38 11.40 -4.99 -5.70
C ALA A 38 11.88 -3.75 -6.46
N ALA A 39 10.98 -2.80 -6.64
CA ALA A 39 11.19 -1.64 -7.47
C ALA A 39 11.86 -0.50 -6.71
N ASN A 40 12.39 0.46 -7.48
CA ASN A 40 12.75 1.78 -6.97
C ASN A 40 11.78 2.81 -7.53
N VAL A 41 11.86 4.04 -7.01
CA VAL A 41 10.85 5.05 -7.35
C VAL A 41 10.87 5.44 -8.82
N TYR A 42 11.99 5.22 -9.50
CA TYR A 42 12.13 5.56 -10.92
C TYR A 42 11.79 4.39 -11.83
N LEU A 43 11.44 3.24 -11.26
CA LEU A 43 11.23 2.00 -12.00
C LEU A 43 12.39 1.72 -12.96
N LYS A 44 13.61 1.95 -12.46
CA LYS A 44 14.84 1.61 -13.19
C LYS A 44 15.27 0.23 -12.72
N HIS A 45 15.03 -0.78 -13.55
CA HIS A 45 15.16 -2.17 -13.16
C HIS A 45 16.56 -2.69 -13.51
N GLY A 46 17.54 -2.23 -12.73
N GLY A 46 17.58 -2.04 -12.92
CA GLY A 46 18.93 -2.47 -13.09
CA GLY A 46 18.97 -2.33 -13.27
C GLY A 46 19.55 -3.72 -12.53
C GLY A 46 19.51 -3.64 -12.73
N GLY A 47 19.13 -4.11 -11.33
N GLY A 47 19.50 -3.81 -11.41
CA GLY A 47 19.79 -5.19 -10.62
CA GLY A 47 20.00 -5.03 -10.79
C GLY A 47 18.87 -5.77 -9.57
C GLY A 47 19.01 -5.62 -9.81
N GLY A 48 19.42 -6.73 -8.82
N GLY A 48 19.42 -6.65 -9.07
CA GLY A 48 18.62 -7.42 -7.82
CA GLY A 48 18.55 -7.28 -8.07
C GLY A 48 17.46 -8.13 -8.48
C GLY A 48 17.33 -7.96 -8.69
N VAL A 49 16.37 -8.25 -7.72
N VAL A 49 16.26 -8.06 -7.89
CA VAL A 49 15.15 -8.86 -8.24
CA VAL A 49 15.01 -8.67 -8.37
C VAL A 49 14.66 -8.12 -9.47
C VAL A 49 14.54 -7.96 -9.63
N ALA A 50 14.66 -6.79 -9.44
N ALA A 50 14.52 -6.62 -9.60
CA ALA A 50 14.11 -6.02 -10.56
CA ALA A 50 14.04 -5.83 -10.74
C ALA A 50 14.90 -6.26 -11.84
C ALA A 50 14.83 -6.16 -12.00
N GLY A 51 16.22 -6.24 -11.75
N GLY A 51 16.17 -6.15 -11.91
CA GLY A 51 17.02 -6.49 -12.94
CA GLY A 51 16.99 -6.46 -13.08
C GLY A 51 16.75 -7.86 -13.52
C GLY A 51 16.78 -7.88 -13.57
N ALA A 52 16.56 -8.83 -12.65
CA ALA A 52 16.31 -10.21 -13.05
C ALA A 52 14.94 -10.36 -13.72
N LEU A 53 13.90 -9.81 -13.08
CA LEU A 53 12.56 -9.86 -13.69
C LEU A 53 12.55 -9.16 -15.04
N ASN A 54 13.16 -7.98 -15.12
CA ASN A 54 13.15 -7.24 -16.37
C ASN A 54 13.89 -8.01 -17.47
N LYS A 55 15.04 -8.59 -17.14
CA LYS A 55 15.80 -9.38 -18.11
C LYS A 55 14.94 -10.52 -18.66
N ALA A 56 14.18 -11.17 -17.78
CA ALA A 56 13.32 -12.28 -18.20
C ALA A 56 12.20 -11.84 -19.15
N THR A 57 11.80 -10.56 -19.12
CA THR A 57 10.83 -9.99 -20.06
C THR A 57 11.49 -9.43 -21.31
N ASN A 58 12.79 -9.63 -21.50
CA ASN A 58 13.48 -9.13 -22.69
C ASN A 58 13.39 -7.60 -22.74
N ASN A 59 13.40 -6.95 -21.57
CA ASN A 59 13.38 -5.49 -21.40
C ASN A 59 11.99 -4.89 -21.65
N ALA A 60 10.96 -5.69 -21.88
CA ALA A 60 9.63 -5.11 -22.07
C ALA A 60 9.13 -4.45 -20.79
N MET A 61 9.47 -5.00 -19.63
CA MET A 61 9.11 -4.36 -18.36
C MET A 61 9.69 -2.95 -18.29
N GLN A 62 10.96 -2.78 -18.67
CA GLN A 62 11.58 -1.46 -18.62
C GLN A 62 10.92 -0.49 -19.59
N VAL A 63 10.60 -0.94 -20.80
CA VAL A 63 9.96 -0.08 -21.79
C VAL A 63 8.61 0.42 -21.25
N GLU A 64 7.81 -0.50 -20.70
CA GLU A 64 6.52 -0.12 -20.13
C GLU A 64 6.71 0.84 -18.96
N SER A 65 7.71 0.56 -18.12
CA SER A 65 7.97 1.38 -16.94
C SER A 65 8.39 2.80 -17.31
N ASP A 66 9.22 2.94 -18.36
CA ASP A 66 9.65 4.27 -18.77
C ASP A 66 8.47 5.12 -19.22
N ASP A 67 7.51 4.50 -19.93
CA ASP A 67 6.30 5.22 -20.30
C ASP A 67 5.48 5.59 -19.07
N TYR A 68 5.38 4.68 -18.09
CA TYR A 68 4.65 4.98 -16.86
C TYR A 68 5.25 6.20 -16.15
N ILE A 69 6.58 6.24 -16.02
CA ILE A 69 7.23 7.35 -15.33
C ILE A 69 7.08 8.65 -16.12
N ALA A 70 7.21 8.57 -17.44
CA ALA A 70 7.06 9.79 -18.24
C ALA A 70 5.68 10.40 -18.06
N THR A 71 4.66 9.58 -17.85
CA THR A 71 3.29 10.07 -17.66
C THR A 71 3.03 10.51 -16.22
N ASN A 72 3.48 9.72 -15.24
CA ASN A 72 3.04 9.86 -13.86
C ASN A 72 4.08 10.39 -12.90
N GLY A 73 5.35 10.42 -13.29
CA GLY A 73 6.41 10.74 -12.37
C GLY A 73 6.73 9.59 -11.45
N PRO A 74 7.73 9.79 -10.58
CA PRO A 74 8.21 8.71 -9.71
C PRO A 74 7.17 8.26 -8.70
N LEU A 75 7.32 7.01 -8.28
CA LEU A 75 6.58 6.50 -7.13
C LEU A 75 7.10 7.14 -5.84
N LYS A 76 6.37 6.91 -4.77
CA LYS A 76 6.81 7.20 -3.40
C LYS A 76 7.52 5.98 -2.82
N VAL A 77 8.53 6.22 -1.95
CA VAL A 77 9.03 5.14 -1.13
C VAL A 77 7.90 4.65 -0.23
N GLY A 78 7.64 3.34 -0.24
CA GLY A 78 6.50 2.75 0.42
C GLY A 78 5.30 2.58 -0.50
N GLY A 79 5.36 3.11 -1.73
CA GLY A 79 4.26 3.04 -2.66
C GLY A 79 4.42 1.95 -3.70
N SER A 80 3.47 1.92 -4.64
CA SER A 80 3.42 0.86 -5.62
C SER A 80 2.63 1.31 -6.85
N CYS A 81 2.78 0.54 -7.93
CA CYS A 81 1.88 0.64 -9.06
C CYS A 81 1.73 -0.76 -9.66
N VAL A 82 0.59 -0.96 -10.33
CA VAL A 82 0.29 -2.20 -11.03
C VAL A 82 0.56 -2.00 -12.50
N LEU A 83 1.44 -2.81 -13.07
CA LEU A 83 1.71 -2.81 -14.49
C LEU A 83 1.56 -4.24 -15.02
N SER A 84 1.86 -4.44 -16.30
CA SER A 84 1.77 -5.77 -16.87
C SER A 84 2.75 -6.74 -16.23
N GLY A 85 2.37 -8.01 -16.16
CA GLY A 85 3.29 -9.06 -15.79
C GLY A 85 4.01 -9.68 -16.96
N HIS A 86 3.75 -9.20 -18.17
CA HIS A 86 4.45 -9.66 -19.37
C HIS A 86 4.34 -11.18 -19.46
N ASN A 87 5.44 -11.88 -19.71
CA ASN A 87 5.49 -13.32 -19.82
C ASN A 87 5.62 -14.01 -18.48
N LEU A 88 5.59 -13.27 -17.37
CA LEU A 88 5.84 -13.86 -16.06
C LEU A 88 4.59 -14.04 -15.20
N ALA A 89 3.56 -13.24 -15.42
CA ALA A 89 2.40 -13.17 -14.53
C ALA A 89 1.35 -12.35 -15.26
N LYS A 90 0.11 -12.37 -14.75
CA LYS A 90 -0.88 -11.45 -15.32
C LYS A 90 -0.47 -10.01 -15.08
N HIS A 91 -0.14 -9.69 -13.83
CA HIS A 91 0.22 -8.35 -13.40
C HIS A 91 1.53 -8.38 -12.64
N CYS A 92 2.25 -7.26 -12.69
CA CYS A 92 3.38 -7.03 -11.80
C CYS A 92 3.03 -5.86 -10.89
N LEU A 93 3.08 -6.13 -9.58
CA LEU A 93 2.95 -5.08 -8.58
C LEU A 93 4.36 -4.59 -8.24
N HIS A 94 4.70 -3.40 -8.73
CA HIS A 94 5.99 -2.78 -8.45
C HIS A 94 5.89 -2.10 -7.10
N VAL A 95 6.62 -2.58 -6.10
CA VAL A 95 6.55 -2.05 -4.74
C VAL A 95 7.91 -1.50 -4.35
N VAL A 96 7.93 -0.28 -3.81
CA VAL A 96 9.17 0.37 -3.41
C VAL A 96 9.34 0.24 -1.90
N GLY A 97 10.25 -0.65 -1.49
CA GLY A 97 10.69 -0.72 -0.12
C GLY A 97 11.77 0.31 0.11
N PRO A 98 11.97 0.75 1.34
N PRO A 98 12.05 0.70 1.36
CA PRO A 98 13.08 1.66 1.62
CA PRO A 98 13.16 1.64 1.61
C PRO A 98 14.42 0.99 1.31
C PRO A 98 14.50 0.99 1.24
N ASN A 99 15.33 1.76 0.73
N ASN A 99 15.38 1.77 0.60
CA ASN A 99 16.68 1.31 0.43
CA ASN A 99 16.74 1.29 0.32
C ASN A 99 17.60 1.87 1.52
C ASN A 99 17.68 1.81 1.40
N VAL A 100 18.07 0.98 2.40
N VAL A 100 18.23 0.89 2.21
CA VAL A 100 18.95 1.40 3.48
CA VAL A 100 19.11 1.26 3.33
C VAL A 100 20.24 2.00 2.93
C VAL A 100 20.25 2.17 2.85
N ASN A 101 20.70 1.51 1.80
N ASN A 101 20.83 1.87 1.68
CA ASN A 101 21.90 2.08 1.18
CA ASN A 101 21.90 2.65 1.07
C ASN A 101 21.66 3.47 0.58
C ASN A 101 21.46 4.03 0.59
N LYS A 102 20.43 3.98 0.65
N LYS A 102 20.15 4.25 0.42
CA LYS A 102 20.14 5.38 0.36
CA LYS A 102 19.62 5.59 0.12
C LYS A 102 19.72 6.17 1.60
C LYS A 102 19.27 6.33 1.40
N GLY A 103 19.71 5.55 2.78
N GLY A 103 19.42 5.69 2.56
CA GLY A 103 19.34 6.24 4.00
CA GLY A 103 19.12 6.29 3.85
C GLY A 103 17.86 6.38 4.24
C GLY A 103 17.64 6.47 4.09
N GLU A 104 17.02 5.56 3.59
N GLU A 104 16.81 5.64 3.47
CA GLU A 104 15.58 5.70 3.69
CA GLU A 104 15.35 5.76 3.57
C GLU A 104 15.05 5.04 4.97
C GLU A 104 14.82 5.01 4.79
N ASP A 105 13.96 5.58 5.49
N ASP A 105 14.02 5.71 5.59
CA ASP A 105 13.46 5.20 6.81
CA ASP A 105 13.47 5.20 6.85
C ASP A 105 12.87 3.79 6.76
C ASP A 105 12.95 3.78 6.70
N ILE A 106 13.38 2.89 7.61
CA ILE A 106 12.96 1.49 7.59
C ILE A 106 11.52 1.35 8.03
N GLN A 107 10.98 2.32 8.77
N GLN A 107 10.95 2.30 8.79
CA GLN A 107 9.59 2.27 9.13
CA GLN A 107 9.53 2.29 9.14
C GLN A 107 8.71 2.23 7.89
C GLN A 107 8.67 2.29 7.89
N LEU A 108 9.22 2.70 6.75
CA LEU A 108 8.46 2.69 5.51
C LEU A 108 8.28 1.28 4.99
N LEU A 109 8.98 0.31 5.57
CA LEU A 109 8.82 -1.08 5.13
C LEU A 109 7.40 -1.57 5.38
N LYS A 110 6.79 -1.19 6.49
CA LYS A 110 5.41 -1.61 6.76
C LYS A 110 4.46 -1.03 5.70
N SER A 111 4.62 0.26 5.38
CA SER A 111 3.80 0.87 4.35
C SER A 111 3.96 0.13 3.02
N ALA A 112 5.19 -0.26 2.69
CA ALA A 112 5.44 -0.99 1.44
C ALA A 112 4.67 -2.31 1.42
N TYR A 113 4.73 -3.07 2.51
CA TYR A 113 4.00 -4.34 2.55
C TYR A 113 2.49 -4.16 2.54
N GLU A 114 1.98 -3.02 3.02
CA GLU A 114 0.53 -2.81 2.99
C GLU A 114 -0.03 -2.88 1.56
N ASN A 115 0.80 -2.56 0.56
CA ASN A 115 0.33 -2.65 -0.82
C ASN A 115 -0.11 -4.07 -1.17
N PHE A 116 0.51 -5.08 -0.54
CA PHE A 116 0.15 -6.46 -0.86
C PHE A 116 -1.31 -6.76 -0.50
N ASN A 117 -1.89 -6.04 0.45
CA ASN A 117 -3.24 -6.34 0.91
C ASN A 117 -4.30 -6.03 -0.13
N GLN A 118 -3.94 -5.32 -1.20
CA GLN A 118 -4.87 -5.03 -2.28
C GLN A 118 -4.99 -6.19 -3.28
N HIS A 119 -4.30 -7.31 -3.02
CA HIS A 119 -4.27 -8.46 -3.93
C HIS A 119 -4.46 -9.73 -3.12
N GLU A 120 -5.38 -10.60 -3.56
CA GLU A 120 -5.74 -11.75 -2.75
C GLU A 120 -4.61 -12.77 -2.65
N VAL A 121 -3.82 -12.93 -3.72
CA VAL A 121 -2.71 -13.88 -3.76
C VAL A 121 -1.55 -13.23 -4.52
N LEU A 122 -0.33 -13.40 -4.01
CA LEU A 122 0.86 -12.81 -4.65
C LEU A 122 2.05 -13.74 -4.50
N LEU A 123 2.92 -13.70 -5.52
CA LEU A 123 4.27 -14.27 -5.48
C LEU A 123 5.21 -13.08 -5.25
N ALA A 124 6.06 -13.14 -4.23
CA ALA A 124 6.82 -11.95 -3.92
C ALA A 124 8.19 -12.26 -3.34
N PRO A 125 9.14 -11.31 -3.46
N PRO A 125 9.14 -11.34 -3.46
CA PRO A 125 10.38 -11.35 -2.69
CA PRO A 125 10.44 -11.49 -2.82
C PRO A 125 10.19 -10.65 -1.35
C PRO A 125 10.38 -10.83 -1.44
N LEU A 126 11.17 -10.82 -0.47
N LEU A 126 11.47 -11.01 -0.68
CA LEU A 126 11.23 -10.03 0.75
CA LEU A 126 11.58 -10.36 0.64
C LEU A 126 11.61 -8.59 0.43
C LEU A 126 11.95 -8.89 0.41
N LEU A 127 10.72 -7.66 0.76
N LEU A 127 11.00 -7.98 0.66
CA LEU A 127 10.95 -6.26 0.47
CA LEU A 127 11.22 -6.55 0.39
C LEU A 127 12.14 -5.73 1.26
C LEU A 127 12.43 -6.00 1.16
N SER A 128 12.91 -4.86 0.60
N SER A 128 13.26 -5.22 0.45
CA SER A 128 14.07 -4.19 1.16
CA SER A 128 14.46 -4.57 0.98
C SER A 128 15.24 -5.13 1.44
C SER A 128 15.57 -5.55 1.37
N ALA A 129 15.14 -6.41 1.09
N ALA A 129 15.52 -6.78 0.90
CA ALA A 129 16.24 -7.35 1.26
CA ALA A 129 16.56 -7.77 1.15
C ALA A 129 17.24 -7.21 0.11
C ALA A 129 17.65 -7.67 0.07
N GLY A 130 18.24 -8.07 0.09
N GLY A 130 18.75 -8.42 0.27
CA GLY A 130 19.22 -8.04 -0.98
CA GLY A 130 19.85 -8.38 -0.69
C GLY A 130 19.90 -6.69 -1.06
C GLY A 130 20.36 -6.94 -0.81
N ILE A 131 20.01 -6.15 -2.28
N ILE A 131 20.38 -6.43 -2.06
CA ILE A 131 20.74 -4.92 -2.50
CA ILE A 131 21.01 -5.14 -2.39
C ILE A 131 20.05 -3.68 -1.91
C ILE A 131 20.41 -3.94 -1.65
N PHE A 132 18.83 -3.82 -1.39
N PHE A 132 19.18 -4.04 -1.13
CA PHE A 132 18.19 -2.72 -0.68
CA PHE A 132 18.59 -2.88 -0.44
C PHE A 132 18.69 -2.58 0.76
C PHE A 132 19.10 -2.71 0.99
N GLY A 133 19.45 -3.54 1.27
N GLY A 133 19.79 -3.72 1.54
CA GLY A 133 20.24 -3.32 2.46
CA GLY A 133 20.52 -3.60 2.79
C GLY A 133 19.58 -3.59 3.80
C GLY A 133 19.67 -3.69 4.05
N ALA A 134 18.30 -3.97 3.85
N ALA A 134 18.38 -3.97 3.95
CA ALA A 134 17.67 -4.24 5.13
CA ALA A 134 17.57 -4.10 5.17
C ALA A 134 17.98 -5.67 5.58
C ALA A 134 17.74 -5.49 5.76
N ASP A 135 17.72 -5.93 6.85
N ASP A 135 17.52 -5.58 7.09
CA ASP A 135 17.86 -7.26 7.42
CA ASP A 135 17.66 -6.85 7.80
C ASP A 135 16.69 -8.12 6.94
C ASP A 135 16.64 -7.86 7.26
N PRO A 136 16.93 -9.20 6.19
N PRO A 136 17.09 -8.95 6.59
CA PRO A 136 15.80 -10.01 5.71
CA PRO A 136 16.10 -9.91 6.03
C PRO A 136 14.97 -10.65 6.80
C PRO A 136 15.17 -10.50 7.09
N ILE A 137 15.57 -10.96 7.96
N ILE A 137 15.72 -10.93 8.23
CA ILE A 137 14.78 -11.48 9.08
CA ILE A 137 14.87 -11.48 9.30
C ILE A 137 13.75 -10.45 9.52
C ILE A 137 13.81 -10.47 9.68
N HIS A 138 14.16 -9.18 9.62
CA HIS A 138 13.21 -8.11 9.93
C HIS A 138 12.15 -7.98 8.85
N SER A 139 12.56 -8.03 7.59
CA SER A 139 11.58 -7.93 6.51
C SER A 139 10.53 -9.03 6.60
N LEU A 140 10.94 -10.26 6.90
CA LEU A 140 9.98 -11.34 7.04
C LEU A 140 9.02 -11.07 8.19
N ARG A 141 9.54 -10.56 9.31
CA ARG A 141 8.67 -10.26 10.46
C ARG A 141 7.64 -9.20 10.08
N VAL A 142 8.06 -8.14 9.41
CA VAL A 142 7.12 -7.10 8.99
C VAL A 142 6.09 -7.67 8.03
N CYS A 143 6.53 -8.52 7.10
CA CYS A 143 5.61 -9.15 6.17
C CYS A 143 4.52 -9.90 6.92
N VAL A 144 4.92 -10.79 7.83
CA VAL A 144 3.96 -11.61 8.55
C VAL A 144 3.00 -10.75 9.37
N ASP A 145 3.49 -9.66 9.93
CA ASP A 145 2.69 -8.81 10.80
C ASP A 145 1.90 -7.75 10.04
N THR A 146 2.04 -7.66 8.71
CA THR A 146 1.37 -6.63 7.92
C THR A 146 0.47 -7.19 6.85
N VAL A 147 0.94 -8.20 6.12
CA VAL A 147 0.19 -8.76 5.01
C VAL A 147 -0.85 -9.74 5.55
N ARG A 148 -2.10 -9.55 5.14
CA ARG A 148 -3.22 -10.40 5.51
C ARG A 148 -3.71 -11.27 4.36
N THR A 149 -3.33 -10.92 3.13
CA THR A 149 -3.66 -11.73 1.97
C THR A 149 -2.61 -12.84 1.83
N ASN A 150 -2.80 -13.70 0.85
CA ASN A 150 -2.00 -14.92 0.76
C ASN A 150 -0.74 -14.63 -0.04
N VAL A 151 0.40 -14.72 0.62
CA VAL A 151 1.68 -14.35 0.02
C VAL A 151 2.63 -15.55 0.02
N TYR A 152 3.20 -15.80 -1.16
CA TYR A 152 4.16 -16.86 -1.42
C TYR A 152 5.51 -16.17 -1.65
N LEU A 153 6.41 -16.32 -0.68
CA LEU A 153 7.70 -15.63 -0.68
C LEU A 153 8.76 -16.53 -1.29
N ALA A 154 9.47 -16.00 -2.27
N ALA A 154 9.52 -15.93 -2.21
CA ALA A 154 10.57 -16.70 -2.93
CA ALA A 154 10.66 -16.56 -2.87
C ALA A 154 11.88 -16.08 -2.43
C ALA A 154 11.95 -15.95 -2.31
N VAL A 155 12.75 -16.91 -1.87
N VAL A 155 12.70 -16.75 -1.55
CA VAL A 155 14.05 -16.48 -1.36
CA VAL A 155 14.00 -16.34 -1.00
C VAL A 155 15.11 -17.16 -2.19
C VAL A 155 15.08 -16.79 -1.97
N PHE A 156 15.89 -16.35 -2.92
N PHE A 156 15.98 -15.88 -2.37
CA PHE A 156 16.87 -16.89 -3.87
CA PHE A 156 16.98 -16.21 -3.38
C PHE A 156 17.98 -17.66 -3.17
C PHE A 156 18.16 -16.98 -2.77
N ASP A 157 18.51 -17.12 -2.07
N ASP A 157 18.70 -16.51 -1.65
CA ASP A 157 19.69 -17.69 -1.43
CA ASP A 157 19.84 -17.18 -1.02
C ASP A 157 19.30 -18.81 -0.47
C ASP A 157 19.37 -18.41 -0.25
N LYS A 158 19.82 -20.02 -0.71
N LYS A 158 19.87 -19.60 -0.62
CA LYS A 158 19.49 -21.15 0.14
CA LYS A 158 19.49 -20.83 0.08
C LYS A 158 19.95 -20.93 1.58
C LYS A 158 19.97 -20.79 1.53
N ASN A 159 21.16 -20.42 1.75
N ASN A 159 21.21 -20.32 1.75
CA ASN A 159 21.65 -20.15 3.10
CA ASN A 159 21.69 -20.11 3.11
C ASN A 159 20.72 -19.20 3.85
C ASN A 159 20.73 -19.20 3.86
N LEU A 160 20.27 -18.15 3.19
CA LEU A 160 19.38 -17.19 3.85
C LEU A 160 18.03 -17.83 4.13
N TYR A 161 17.51 -18.58 3.17
CA TYR A 161 16.25 -19.31 3.37
C TYR A 161 16.29 -20.14 4.65
N ASP A 162 17.35 -20.94 4.81
CA ASP A 162 17.44 -21.79 6.00
C ASP A 162 17.50 -20.95 7.27
N LYS A 163 18.22 -19.82 7.23
CA LYS A 163 18.29 -18.95 8.41
C LYS A 163 16.92 -18.33 8.72
N LEU A 164 16.19 -17.92 7.68
CA LEU A 164 14.86 -17.33 7.88
C LEU A 164 13.90 -18.33 8.54
N VAL A 165 13.91 -19.57 8.07
CA VAL A 165 13.05 -20.61 8.65
C VAL A 165 13.47 -20.90 10.08
N SER A 166 14.77 -21.13 10.28
CA SER A 166 15.23 -21.60 11.59
C SER A 166 15.04 -20.56 12.68
N SER A 167 15.03 -19.28 12.30
CA SER A 167 14.91 -18.19 13.26
C SER A 167 13.48 -17.66 13.36
N PHE A 168 12.52 -18.24 12.66
CA PHE A 168 11.17 -17.69 12.59
C PHE A 168 10.43 -17.96 13.89
N LEU A 169 9.81 -16.91 14.45
CA LEU A 169 9.07 -17.06 15.68
C LEU A 169 7.59 -17.20 15.36
N SER B 1 2.20 31.50 2.08
CA SER B 1 0.89 30.77 2.09
C SER B 1 0.75 29.71 3.17
N MET B 2 -0.52 29.58 3.62
N MET B 2 -0.48 29.52 3.57
CA MET B 2 -0.90 28.65 4.67
CA MET B 2 -0.87 28.67 4.69
C MET B 2 -1.59 27.44 4.05
C MET B 2 -1.60 27.44 4.15
N VAL B 3 -0.94 26.28 4.17
CA VAL B 3 -1.55 24.98 3.84
C VAL B 3 -1.45 24.10 5.09
N ASN B 4 -2.36 23.14 5.20
CA ASN B 4 -2.36 22.20 6.33
C ASN B 4 -2.35 22.92 7.68
N SER B 5 -3.17 23.97 7.80
CA SER B 5 -3.25 24.77 9.04
C SER B 5 -4.44 24.29 9.86
N PHE B 6 -4.26 23.13 10.48
CA PHE B 6 -5.30 22.51 11.29
C PHE B 6 -5.33 23.15 12.67
N SER B 7 -6.52 23.52 13.14
CA SER B 7 -6.66 24.09 14.48
C SER B 7 -7.95 23.62 15.16
N GLY B 8 -7.89 23.55 16.49
CA GLY B 8 -9.00 23.14 17.31
C GLY B 8 -9.17 21.63 17.38
N TYR B 9 -8.15 20.86 16.98
CA TYR B 9 -8.23 19.40 17.08
C TYR B 9 -7.79 18.91 18.44
N LEU B 10 -8.44 17.84 18.87
CA LEU B 10 -8.11 17.10 20.08
C LEU B 10 -7.22 15.92 19.70
N LYS B 11 -6.11 15.78 20.41
N LYS B 11 -6.08 15.80 20.37
CA LYS B 11 -5.14 14.72 20.17
CA LYS B 11 -5.13 14.73 20.11
C LYS B 11 -5.65 13.43 20.79
C LYS B 11 -5.61 13.44 20.78
N LEU B 12 -5.79 12.38 19.98
CA LEU B 12 -6.14 11.05 20.48
C LEU B 12 -4.91 10.17 20.64
N THR B 13 -4.03 10.17 19.64
CA THR B 13 -2.77 9.47 19.68
C THR B 13 -1.73 10.41 19.09
N ASP B 14 -0.48 9.95 19.03
CA ASP B 14 0.57 10.81 18.51
C ASP B 14 0.32 11.22 17.07
N ASN B 15 -0.52 10.49 16.32
CA ASN B 15 -0.76 10.82 14.92
C ASN B 15 -2.23 10.96 14.53
N VAL B 16 -3.17 10.81 15.46
CA VAL B 16 -4.60 10.87 15.14
C VAL B 16 -5.22 11.98 15.97
N TYR B 17 -5.90 12.90 15.29
CA TYR B 17 -6.51 14.09 15.88
C TYR B 17 -7.97 14.13 15.45
N ILE B 18 -8.82 14.79 16.24
CA ILE B 18 -10.25 14.78 15.95
C ILE B 18 -10.88 16.13 16.31
N LYS B 19 -11.88 16.52 15.52
CA LYS B 19 -12.57 17.79 15.70
C LYS B 19 -14.03 17.63 15.33
N ASN B 20 -14.90 18.34 16.05
CA ASN B 20 -16.30 18.45 15.68
C ASN B 20 -16.40 19.56 14.63
N ALA B 21 -16.55 19.17 13.37
CA ALA B 21 -16.50 20.12 12.26
C ALA B 21 -17.14 19.52 11.03
N ASP B 22 -17.59 20.42 10.15
CA ASP B 22 -18.05 20.11 8.80
C ASP B 22 -16.82 20.03 7.90
N ILE B 23 -16.58 18.85 7.31
CA ILE B 23 -15.34 18.61 6.58
C ILE B 23 -15.16 19.54 5.40
N VAL B 24 -16.25 19.98 4.77
CA VAL B 24 -16.14 20.94 3.66
C VAL B 24 -15.64 22.29 4.19
N GLU B 25 -16.26 22.78 5.26
CA GLU B 25 -15.82 24.02 5.87
C GLU B 25 -14.38 23.91 6.35
N GLU B 26 -14.03 22.77 6.94
CA GLU B 26 -12.67 22.56 7.38
C GLU B 26 -11.70 22.60 6.21
N ALA B 27 -12.03 21.91 5.13
CA ALA B 27 -11.13 21.89 3.97
C ALA B 27 -10.88 23.30 3.46
N LYS B 28 -11.95 24.11 3.37
CA LYS B 28 -11.78 25.46 2.84
C LYS B 28 -10.91 26.33 3.76
N LYS B 29 -10.95 26.09 5.07
CA LYS B 29 -10.16 26.85 6.05
C LYS B 29 -8.71 26.35 6.14
N VAL B 30 -8.54 25.04 6.29
CA VAL B 30 -7.24 24.40 6.56
C VAL B 30 -6.36 24.42 5.33
N LYS B 31 -6.97 24.38 4.14
N LYS B 31 -6.95 24.36 4.18
CA LYS B 31 -6.25 24.23 2.87
CA LYS B 31 -6.19 24.29 2.95
C LYS B 31 -5.33 23.01 2.90
C LYS B 31 -5.31 23.03 2.97
N PRO B 32 -5.88 21.81 3.08
CA PRO B 32 -5.04 20.61 3.21
C PRO B 32 -4.46 20.17 1.87
N THR B 33 -3.30 19.52 1.94
CA THR B 33 -2.76 18.85 0.76
C THR B 33 -3.71 17.75 0.30
N VAL B 34 -4.31 17.02 1.24
CA VAL B 34 -5.17 15.89 0.92
C VAL B 34 -6.44 15.95 1.74
N VAL B 35 -7.59 15.91 1.07
CA VAL B 35 -8.86 15.60 1.72
C VAL B 35 -9.30 14.22 1.26
N VAL B 36 -9.75 13.40 2.22
CA VAL B 36 -10.25 12.06 1.92
C VAL B 36 -11.74 12.11 1.65
N ASN B 37 -12.15 11.46 0.57
CA ASN B 37 -13.56 11.23 0.29
C ASN B 37 -13.95 9.82 0.68
N ALA B 38 -15.13 9.70 1.28
CA ALA B 38 -15.78 8.41 1.57
C ALA B 38 -16.47 7.94 0.29
N ALA B 39 -15.66 7.34 -0.59
CA ALA B 39 -16.07 7.00 -1.95
C ALA B 39 -16.67 5.59 -2.02
N ASN B 40 -17.30 5.32 -3.17
CA ASN B 40 -17.69 3.98 -3.57
C ASN B 40 -16.93 3.61 -4.85
N VAL B 41 -17.04 2.35 -5.26
CA VAL B 41 -16.14 1.82 -6.29
C VAL B 41 -16.33 2.50 -7.64
N TYR B 42 -17.53 3.02 -7.93
CA TYR B 42 -17.78 3.72 -9.19
C TYR B 42 -17.70 5.23 -9.04
N LEU B 43 -17.22 5.71 -7.89
CA LEU B 43 -17.04 7.15 -7.68
C LEU B 43 -18.30 7.93 -8.00
N LYS B 44 -19.45 7.42 -7.55
CA LYS B 44 -20.73 8.09 -7.70
C LYS B 44 -21.01 8.80 -6.37
N HIS B 45 -20.86 10.12 -6.39
CA HIS B 45 -20.80 10.91 -5.16
C HIS B 45 -22.19 11.43 -4.80
N GLY B 46 -23.03 10.52 -4.35
CA GLY B 46 -24.43 10.88 -4.10
C GLY B 46 -24.77 11.46 -2.74
N GLY B 47 -24.28 10.81 -1.68
CA GLY B 47 -24.80 11.04 -0.35
C GLY B 47 -23.67 11.26 0.63
N GLY B 48 -24.04 11.62 1.86
CA GLY B 48 -23.06 11.74 2.92
C GLY B 48 -21.90 12.64 2.53
N VAL B 49 -20.70 12.23 2.95
CA VAL B 49 -19.50 13.03 2.71
C VAL B 49 -19.29 13.25 1.22
N ALA B 50 -19.41 12.20 0.41
CA ALA B 50 -19.10 12.34 -1.01
C ALA B 50 -20.05 13.33 -1.67
N GLY B 51 -21.33 13.27 -1.35
CA GLY B 51 -22.27 14.24 -1.91
C GLY B 51 -21.93 15.66 -1.51
N ALA B 52 -21.52 15.86 -0.26
CA ALA B 52 -21.16 17.20 0.20
C ALA B 52 -19.90 17.71 -0.48
N LEU B 53 -18.86 16.87 -0.58
CA LEU B 53 -17.64 17.32 -1.25
C LEU B 53 -17.93 17.64 -2.71
N ASN B 54 -18.67 16.77 -3.39
CA ASN B 54 -18.95 17.02 -4.81
C ASN B 54 -19.74 18.31 -4.99
N LYS B 55 -20.76 18.52 -4.16
CA LYS B 55 -21.54 19.75 -4.24
C LYS B 55 -20.66 20.98 -4.07
N ALA B 56 -19.70 20.94 -3.15
CA ALA B 56 -18.83 22.08 -2.93
C ALA B 56 -18.01 22.40 -4.17
N THR B 57 -17.70 21.38 -4.98
CA THR B 57 -16.97 21.57 -6.23
C THR B 57 -17.87 21.92 -7.40
N ASN B 58 -19.17 22.15 -7.15
CA ASN B 58 -20.11 22.46 -8.22
C ASN B 58 -20.10 21.35 -9.28
N ASN B 59 -20.02 20.09 -8.83
CA ASN B 59 -20.09 18.88 -9.65
C ASN B 59 -18.81 18.62 -10.44
N ALA B 60 -17.77 19.44 -10.30
CA ALA B 60 -16.53 19.17 -11.04
C ALA B 60 -15.90 17.86 -10.61
N MET B 61 -16.03 17.51 -9.34
CA MET B 61 -15.51 16.23 -8.86
C MET B 61 -16.20 15.06 -9.57
N GLN B 62 -17.53 15.13 -9.74
CA GLN B 62 -18.24 14.04 -10.39
C GLN B 62 -17.84 13.91 -11.85
N VAL B 63 -17.70 15.03 -12.56
CA VAL B 63 -17.30 14.96 -13.98
C VAL B 63 -15.93 14.32 -14.10
N GLU B 64 -14.98 14.76 -13.26
CA GLU B 64 -13.64 14.20 -13.28
C GLU B 64 -13.67 12.71 -12.93
N SER B 65 -14.49 12.34 -11.94
CA SER B 65 -14.60 10.95 -11.51
C SER B 65 -15.15 10.06 -12.62
N ASP B 66 -16.18 10.53 -13.32
CA ASP B 66 -16.75 9.71 -14.40
C ASP B 66 -15.71 9.47 -15.50
N ASP B 67 -14.89 10.48 -15.80
CA ASP B 67 -13.82 10.29 -16.77
C ASP B 67 -12.79 9.29 -16.27
N TYR B 68 -12.41 9.38 -14.98
CA TYR B 68 -11.50 8.40 -14.40
C TYR B 68 -12.04 6.97 -14.55
N ILE B 69 -13.32 6.77 -14.27
CA ILE B 69 -13.93 5.45 -14.36
C ILE B 69 -13.94 4.96 -15.81
N ALA B 70 -14.23 5.86 -16.75
CA ALA B 70 -14.23 5.44 -18.15
C ALA B 70 -12.87 4.91 -18.56
N THR B 71 -11.80 5.53 -18.06
CA THR B 71 -10.44 5.15 -18.44
C THR B 71 -9.94 3.93 -17.67
N ASN B 72 -10.30 3.81 -16.38
CA ASN B 72 -9.68 2.87 -15.46
C ASN B 72 -10.60 1.78 -14.91
N GLY B 73 -11.91 1.92 -15.05
CA GLY B 73 -12.84 1.01 -14.41
C GLY B 73 -12.95 1.26 -12.93
N PRO B 74 -13.82 0.51 -12.27
CA PRO B 74 -14.11 0.76 -10.86
C PRO B 74 -12.93 0.40 -9.96
N LEU B 75 -12.90 1.04 -8.79
CA LEU B 75 -11.97 0.71 -7.74
C LEU B 75 -12.38 -0.62 -7.09
N LYS B 76 -11.49 -1.16 -6.26
CA LYS B 76 -11.79 -2.27 -5.35
C LYS B 76 -12.25 -1.71 -4.00
N VAL B 77 -13.16 -2.42 -3.31
CA VAL B 77 -13.44 -2.12 -1.91
C VAL B 77 -12.13 -2.30 -1.14
N GLY B 78 -11.76 -1.29 -0.36
CA GLY B 78 -10.48 -1.24 0.32
C GLY B 78 -9.42 -0.47 -0.43
N GLY B 79 -9.70 -0.08 -1.69
CA GLY B 79 -8.74 0.64 -2.51
C GLY B 79 -9.01 2.14 -2.55
N SER B 80 -8.20 2.82 -3.37
CA SER B 80 -8.28 4.27 -3.46
C SER B 80 -7.73 4.76 -4.79
N CYS B 81 -8.02 6.02 -5.08
CA CYS B 81 -7.32 6.74 -6.15
C CYS B 81 -7.17 8.19 -5.75
N VAL B 82 -6.14 8.83 -6.30
CA VAL B 82 -5.88 10.25 -6.09
C VAL B 82 -6.39 11.03 -7.29
N LEU B 83 -7.26 12.00 -7.04
CA LEU B 83 -7.75 12.91 -8.06
C LEU B 83 -7.58 14.34 -7.56
N SER B 84 -8.04 15.31 -8.34
CA SER B 84 -7.91 16.71 -7.93
C SER B 84 -8.73 16.98 -6.67
N GLY B 85 -8.25 17.93 -5.87
CA GLY B 85 -9.01 18.46 -4.77
C GLY B 85 -9.83 19.69 -5.08
N HIS B 86 -9.78 20.21 -6.31
CA HIS B 86 -10.70 21.28 -6.74
C HIS B 86 -10.53 22.48 -5.80
N ASN B 87 -11.61 23.01 -5.24
CA ASN B 87 -11.57 24.14 -4.33
C ASN B 87 -11.44 23.71 -2.87
N LEU B 88 -11.14 22.44 -2.62
CA LEU B 88 -11.09 21.89 -1.27
C LEU B 88 -9.69 21.57 -0.79
N ALA B 89 -8.80 21.19 -1.70
CA ALA B 89 -7.51 20.64 -1.30
C ALA B 89 -6.66 20.54 -2.55
N LYS B 90 -5.36 20.29 -2.36
CA LYS B 90 -4.55 19.99 -3.54
C LYS B 90 -5.06 18.72 -4.22
N HIS B 91 -5.27 17.67 -3.43
CA HIS B 91 -5.70 16.37 -3.91
C HIS B 91 -6.89 15.89 -3.11
N CYS B 92 -7.75 15.10 -3.76
CA CYS B 92 -8.73 14.29 -3.05
C CYS B 92 -8.33 12.83 -3.18
N LEU B 93 -8.16 12.17 -2.03
CA LEU B 93 -7.94 10.74 -1.96
C LEU B 93 -9.29 10.07 -1.80
N HIS B 94 -9.77 9.44 -2.86
CA HIS B 94 -11.05 8.73 -2.84
C HIS B 94 -10.80 7.34 -2.30
N VAL B 95 -11.29 7.03 -1.09
CA VAL B 95 -11.03 5.75 -0.44
C VAL B 95 -12.36 5.01 -0.27
N VAL B 96 -12.37 3.74 -0.65
CA VAL B 96 -13.59 2.93 -0.57
C VAL B 96 -13.51 2.04 0.67
N GLY B 97 -14.24 2.41 1.71
CA GLY B 97 -14.45 1.53 2.84
C GLY B 97 -15.60 0.59 2.55
N PRO B 98 -15.67 -0.54 3.26
CA PRO B 98 -16.81 -1.44 3.11
C PRO B 98 -18.11 -0.77 3.56
N ASN B 99 -19.16 -0.99 2.80
CA ASN B 99 -20.49 -0.52 3.12
C ASN B 99 -21.28 -1.66 3.74
N VAL B 100 -21.37 -1.66 5.08
CA VAL B 100 -22.10 -2.69 5.82
C VAL B 100 -23.58 -2.68 5.47
N ASN B 101 -24.13 -1.51 5.10
CA ASN B 101 -25.54 -1.45 4.67
C ASN B 101 -25.76 -2.17 3.34
N LYS B 102 -24.69 -2.51 2.63
CA LYS B 102 -24.75 -3.27 1.39
C LYS B 102 -24.18 -4.67 1.57
N GLY B 103 -23.93 -5.09 2.81
CA GLY B 103 -23.44 -6.41 3.14
C GLY B 103 -21.96 -6.64 2.89
N GLU B 104 -21.15 -5.58 2.80
CA GLU B 104 -19.74 -5.75 2.49
C GLU B 104 -18.97 -6.06 3.78
N ASP B 105 -17.86 -6.78 3.63
CA ASP B 105 -17.16 -7.32 4.79
C ASP B 105 -16.44 -6.20 5.55
N ILE B 106 -16.87 -5.95 6.78
CA ILE B 106 -16.26 -4.94 7.65
C ILE B 106 -14.77 -5.20 7.83
N GLN B 107 -14.31 -6.43 7.65
CA GLN B 107 -12.88 -6.74 7.74
C GLN B 107 -12.04 -5.94 6.74
N LEU B 108 -12.63 -5.46 5.64
CA LEU B 108 -11.90 -4.67 4.63
C LEU B 108 -11.60 -3.25 5.08
N LEU B 109 -12.10 -2.86 6.24
CA LEU B 109 -11.87 -1.50 6.73
C LEU B 109 -10.40 -1.24 7.00
N LYS B 110 -9.65 -2.24 7.47
CA LYS B 110 -8.24 -2.02 7.73
C LYS B 110 -7.50 -1.73 6.41
N SER B 111 -7.77 -2.52 5.36
CA SER B 111 -7.17 -2.25 4.05
C SER B 111 -7.49 -0.83 3.59
N ALA B 112 -8.74 -0.41 3.79
CA ALA B 112 -9.14 0.94 3.37
C ALA B 112 -8.29 2.00 4.09
N TYR B 113 -8.13 1.86 5.41
CA TYR B 113 -7.32 2.83 6.14
C TYR B 113 -5.84 2.80 5.74
N GLU B 114 -5.32 1.64 5.31
CA GLU B 114 -3.91 1.59 4.91
C GLU B 114 -3.61 2.57 3.80
N ASN B 115 -4.59 2.94 2.98
CA ASN B 115 -4.33 3.93 1.94
C ASN B 115 -3.85 5.24 2.52
N PHE B 116 -4.29 5.57 3.74
CA PHE B 116 -3.90 6.85 4.34
C PHE B 116 -2.39 6.92 4.56
N ASN B 117 -1.73 5.77 4.75
CA ASN B 117 -0.30 5.77 5.05
C ASN B 117 0.56 6.23 3.87
N GLN B 118 -0.01 6.37 2.68
CA GLN B 118 0.71 6.90 1.54
C GLN B 118 0.76 8.42 1.50
N HIS B 119 0.23 9.10 2.52
CA HIS B 119 0.17 10.56 2.57
C HIS B 119 0.59 11.02 3.96
N GLU B 120 1.48 12.00 4.03
CA GLU B 120 2.05 12.37 5.32
C GLU B 120 1.02 13.03 6.23
N VAL B 121 0.06 13.76 5.67
CA VAL B 121 -0.98 14.43 6.44
C VAL B 121 -2.26 14.48 5.62
N LEU B 122 -3.41 14.21 6.27
CA LEU B 122 -4.70 14.15 5.60
C LEU B 122 -5.78 14.73 6.50
N LEU B 123 -6.76 15.39 5.88
CA LEU B 123 -8.06 15.71 6.46
C LEU B 123 -9.03 14.62 6.03
N ALA B 124 -9.74 14.00 6.97
CA ALA B 124 -10.50 12.82 6.62
C ALA B 124 -11.77 12.65 7.44
N PRO B 125 -12.76 11.95 6.89
CA PRO B 125 -13.87 11.43 7.68
C PRO B 125 -13.53 10.03 8.20
N LEU B 126 -14.33 9.55 9.16
CA LEU B 126 -14.23 8.16 9.56
C LEU B 126 -14.77 7.25 8.47
N LEU B 127 -13.94 6.33 8.01
CA LEU B 127 -14.32 5.46 6.92
C LEU B 127 -15.39 4.47 7.37
N SER B 128 -16.30 4.18 6.45
CA SER B 128 -17.40 3.23 6.61
C SER B 128 -18.43 3.70 7.63
N ALA B 129 -18.31 4.92 8.17
CA ALA B 129 -19.29 5.46 9.09
C ALA B 129 -20.50 6.00 8.35
N GLY B 130 -21.50 6.41 9.13
CA GLY B 130 -22.63 7.14 8.58
C GLY B 130 -23.42 6.26 7.64
N ILE B 131 -23.61 6.75 6.42
CA ILE B 131 -24.43 6.04 5.46
C ILE B 131 -23.82 4.71 5.04
N PHE B 132 -22.54 4.46 5.36
CA PHE B 132 -21.90 3.17 5.09
C PHE B 132 -22.19 2.13 6.19
N GLY B 133 -22.74 2.53 7.34
CA GLY B 133 -23.33 1.59 8.28
C GLY B 133 -22.42 0.95 9.32
N ALA B 134 -21.12 1.21 9.32
CA ALA B 134 -20.29 0.63 10.36
C ALA B 134 -20.39 1.42 11.66
N ASP B 135 -20.03 0.76 12.75
CA ASP B 135 -19.97 1.42 14.06
C ASP B 135 -18.85 2.46 14.02
N PRO B 136 -19.14 3.76 14.18
CA PRO B 136 -18.05 4.75 14.13
C PRO B 136 -17.01 4.53 15.22
N ILE B 137 -17.38 3.95 16.37
CA ILE B 137 -16.40 3.64 17.40
C ILE B 137 -15.39 2.64 16.88
N HIS B 138 -15.88 1.64 16.15
CA HIS B 138 -14.97 0.67 15.53
C HIS B 138 -14.13 1.30 14.44
N SER B 139 -14.71 2.21 13.64
CA SER B 139 -13.92 2.84 12.60
C SER B 139 -12.78 3.64 13.21
N LEU B 140 -13.02 4.35 14.31
CA LEU B 140 -11.96 5.09 14.98
C LEU B 140 -10.89 4.14 15.50
N ARG B 141 -11.31 3.00 16.06
CA ARG B 141 -10.38 1.96 16.52
C ARG B 141 -9.46 1.52 15.39
N VAL B 142 -10.04 1.16 14.26
CA VAL B 142 -9.23 0.69 13.14
C VAL B 142 -8.33 1.81 12.64
N CYS B 143 -8.84 3.03 12.59
CA CYS B 143 -8.01 4.16 12.18
C CYS B 143 -6.77 4.27 13.07
N VAL B 144 -6.97 4.30 14.38
CA VAL B 144 -5.84 4.46 15.29
C VAL B 144 -4.86 3.29 15.19
N ASP B 145 -5.36 2.10 14.95
CA ASP B 145 -4.53 0.91 14.92
C ASP B 145 -3.90 0.66 13.56
N THR B 146 -4.23 1.45 12.54
CA THR B 146 -3.75 1.24 11.18
C THR B 146 -2.99 2.41 10.61
N VAL B 147 -3.48 3.64 10.82
CA VAL B 147 -2.86 4.81 10.23
C VAL B 147 -1.70 5.24 11.10
N ARG B 148 -0.55 5.49 10.46
CA ARG B 148 0.64 5.96 11.13
C ARG B 148 1.01 7.38 10.72
N THR B 149 0.49 7.87 9.60
CA THR B 149 0.69 9.25 9.17
C THR B 149 -0.31 10.13 9.92
N ASN B 150 -0.21 11.43 9.72
CA ASN B 150 -0.98 12.38 10.53
C ASN B 150 -2.37 12.55 9.95
N VAL B 151 -3.38 12.12 10.68
CA VAL B 151 -4.74 12.17 10.19
C VAL B 151 -5.59 13.04 11.13
N TYR B 152 -6.27 14.01 10.52
CA TYR B 152 -7.15 14.97 11.18
C TYR B 152 -8.58 14.61 10.79
N LEU B 153 -9.33 14.06 11.75
CA LEU B 153 -10.67 13.55 11.53
C LEU B 153 -11.70 14.63 11.83
N ALA B 154 -12.62 14.83 10.91
CA ALA B 154 -13.74 15.75 11.06
C ALA B 154 -15.02 14.95 11.30
N VAL B 155 -15.68 15.24 12.40
CA VAL B 155 -16.93 14.60 12.78
C VAL B 155 -18.00 15.68 12.86
N PHE B 156 -19.02 15.58 12.00
CA PHE B 156 -20.01 16.64 11.88
C PHE B 156 -20.90 16.79 13.12
N ASP B 157 -21.44 15.70 13.62
CA ASP B 157 -22.42 15.78 14.71
C ASP B 157 -21.69 15.85 16.06
N LYS B 158 -21.90 16.95 16.81
CA LYS B 158 -21.33 17.10 18.15
C LYS B 158 -21.62 15.88 19.04
N ASN B 159 -22.82 15.33 18.95
CA ASN B 159 -23.16 14.21 19.83
C ASN B 159 -22.39 12.94 19.46
N LEU B 160 -22.11 12.71 18.17
CA LEU B 160 -21.26 11.59 17.81
C LEU B 160 -19.82 11.85 18.21
N TYR B 161 -19.35 13.08 17.98
CA TYR B 161 -18.02 13.47 18.42
C TYR B 161 -17.83 13.16 19.90
N ASP B 162 -18.80 13.57 20.73
CA ASP B 162 -18.69 13.33 22.16
C ASP B 162 -18.66 11.84 22.48
N LYS B 163 -19.48 11.04 21.79
CA LYS B 163 -19.47 9.59 22.00
C LYS B 163 -18.12 8.98 21.63
N LEU B 164 -17.53 9.46 20.53
CA LEU B 164 -16.23 8.94 20.08
C LEU B 164 -15.12 9.31 21.06
N VAL B 165 -15.07 10.58 21.48
CA VAL B 165 -14.00 11.04 22.37
C VAL B 165 -14.16 10.42 23.76
N SER B 166 -15.38 10.43 24.27
CA SER B 166 -15.63 10.02 25.65
C SER B 166 -15.36 8.51 25.82
N SER B 167 -15.57 7.71 24.77
CA SER B 167 -15.38 6.27 24.82
C SER B 167 -14.00 5.81 24.35
N PHE B 168 -13.17 6.71 23.81
CA PHE B 168 -11.89 6.28 23.25
C PHE B 168 -10.94 5.79 24.35
N LEU B 169 -11.03 6.42 25.52
CA LEU B 169 -10.15 6.10 26.65
C LEU B 169 -10.82 6.35 27.99
#